data_7SCT
#
_entry.id   7SCT
#
_cell.length_a   96.258
_cell.length_b   96.258
_cell.length_c   84.760
_cell.angle_alpha   90.000
_cell.angle_beta   90.000
_cell.angle_gamma   90.000
#
_symmetry.space_group_name_H-M   'I 4 2 2'
#
loop_
_entity.id
_entity.type
_entity.pdbx_description
1 polymer 'Evasin P1243'
2 polymer 'C-C motif chemokine 16'
3 water water
#
loop_
_entity_poly.entity_id
_entity_poly.type
_entity_poly.pdbx_seq_one_letter_code
_entity_poly.pdbx_strand_id
1 'polypeptide(L)'
;GSARNHTEDNSTEYYDYEEARCACPARHLNNTNGTVLKLLGCHYFCNGTLCTAPDGYPCYNLTAQQVRTLTTYPNTSCAV
GVCMKGTCVKNGTMEQCFKTP
;
A
2 'polypeptide(L)'
;GPSQPKVPEWVNTPSTCCLKYYEKVLPRRLVVGYRKALNCHLPAIIFVTKRNREVCTNPNDDWVQEYIKDPNLPLLPTRN
LSTVKIITAKNGQPQLLNSQ
;
B
#
# COMPACT_ATOMS: atom_id res chain seq x y z
N TYR A 15 6.36 18.73 -9.84
CA TYR A 15 6.50 17.62 -8.89
C TYR A 15 6.67 18.11 -7.47
N ASP A 16 5.97 17.46 -6.54
CA ASP A 16 5.89 17.88 -5.15
C ASP A 16 6.44 16.75 -4.29
N TYR A 17 7.70 16.91 -3.85
CA TYR A 17 8.37 15.83 -3.13
C TYR A 17 7.70 15.54 -1.79
N GLU A 18 7.10 16.56 -1.15
CA GLU A 18 6.44 16.32 0.12
C GLU A 18 5.17 15.49 -0.06
N GLU A 19 4.35 15.82 -1.06
CA GLU A 19 3.16 15.02 -1.35
C GLU A 19 3.51 13.58 -1.68
N ALA A 20 4.57 13.37 -2.47
CA ALA A 20 4.90 12.02 -2.92
C ALA A 20 5.54 11.18 -1.84
N ARG A 21 6.11 11.82 -0.81
CA ARG A 21 7.08 11.16 0.06
C ARG A 21 6.53 9.86 0.63
N CYS A 22 5.31 9.88 1.15
CA CYS A 22 4.72 8.69 1.76
C CYS A 22 3.62 8.10 0.88
N ALA A 23 3.59 8.47 -0.40
CA ALA A 23 2.57 7.98 -1.33
C ALA A 23 3.11 6.85 -2.19
N CYS A 24 3.95 5.98 -1.65
CA CYS A 24 4.41 4.82 -2.42
C CYS A 24 3.72 3.57 -1.88
N PRO A 25 3.57 2.52 -2.68
CA PRO A 25 2.96 1.29 -2.13
C PRO A 25 3.89 0.57 -1.18
N ALA A 26 3.28 -0.23 -0.30
CA ALA A 26 4.02 -0.98 0.69
C ALA A 26 3.55 -2.44 0.70
N ARG A 27 4.47 -3.35 1.02
CA ARG A 27 4.11 -4.77 1.09
C ARG A 27 3.19 -5.00 2.28
N HIS A 28 2.13 -5.78 2.06
CA HIS A 28 1.16 -6.15 3.09
C HIS A 28 1.27 -7.64 3.38
N LEU A 29 0.65 -8.08 4.47
CA LEU A 29 0.55 -9.50 4.75
C LEU A 29 -0.76 -10.04 4.16
N ASN A 30 -0.74 -11.30 3.72
CA ASN A 30 -1.94 -11.86 3.13
C ASN A 30 -2.67 -12.70 4.18
N ASN A 31 -3.87 -13.17 3.82
CA ASN A 31 -4.70 -13.91 4.76
C ASN A 31 -5.48 -14.97 4.01
N THR A 32 -6.02 -15.92 4.77
CA THR A 32 -6.68 -17.08 4.18
C THR A 32 -8.20 -16.93 4.14
N ASN A 33 -8.74 -15.77 4.48
CA ASN A 33 -10.18 -15.68 4.69
C ASN A 33 -10.84 -14.55 3.90
N GLY A 34 -10.19 -14.04 2.86
CA GLY A 34 -10.85 -13.18 1.89
C GLY A 34 -10.97 -11.72 2.29
N THR A 35 -10.51 -11.34 3.46
CA THR A 35 -10.64 -9.96 3.90
C THR A 35 -9.50 -9.10 3.36
N VAL A 36 -9.62 -7.80 3.61
CA VAL A 36 -8.68 -6.82 3.10
C VAL A 36 -7.25 -7.16 3.53
N LEU A 37 -6.28 -6.88 2.66
CA LEU A 37 -4.87 -7.03 3.01
C LEU A 37 -4.48 -6.00 4.07
N LYS A 38 -3.66 -6.43 5.05
CA LYS A 38 -3.33 -5.60 6.21
C LYS A 38 -1.83 -5.40 6.33
N LEU A 39 -1.46 -4.23 6.85
CA LEU A 39 -0.07 -3.89 7.08
C LEU A 39 0.44 -4.58 8.34
N LEU A 40 1.68 -5.08 8.29
CA LEU A 40 2.34 -5.50 9.52
C LEU A 40 2.69 -4.25 10.33
N GLY A 41 2.03 -4.04 11.47
CA GLY A 41 2.29 -2.82 12.21
C GLY A 41 1.64 -1.63 11.51
N CYS A 42 2.08 -0.43 11.89
CA CYS A 42 1.48 0.80 11.37
C CYS A 42 2.46 1.70 10.63
N HIS A 43 3.61 1.16 10.18
CA HIS A 43 4.60 2.01 9.55
C HIS A 43 5.14 1.32 8.30
N TYR A 44 5.63 2.14 7.36
CA TYR A 44 6.17 1.61 6.12
C TYR A 44 7.23 2.56 5.57
N PHE A 45 8.07 2.01 4.69
CA PHE A 45 9.23 2.68 4.12
C PHE A 45 8.93 3.16 2.71
N CYS A 46 9.30 4.40 2.40
CA CYS A 46 9.12 4.99 1.07
C CYS A 46 10.32 5.87 0.79
N ASN A 47 11.23 5.40 -0.04
CA ASN A 47 12.33 6.22 -0.55
C ASN A 47 13.20 6.73 0.60
N GLY A 48 13.50 5.85 1.55
CA GLY A 48 14.29 6.27 2.70
C GLY A 48 13.57 7.09 3.74
N THR A 49 12.25 7.26 3.63
CA THR A 49 11.45 7.89 4.67
C THR A 49 10.67 6.82 5.41
N LEU A 50 10.59 6.97 6.73
CA LEU A 50 9.71 6.13 7.53
C LEU A 50 8.36 6.79 7.63
N CYS A 51 7.33 6.12 7.12
CA CYS A 51 5.98 6.68 7.01
C CYS A 51 5.04 6.02 8.01
N THR A 52 3.98 6.73 8.37
CA THR A 52 2.99 6.24 9.33
C THR A 52 1.67 6.02 8.62
N ALA A 53 1.08 4.83 8.78
CA ALA A 53 -0.21 4.56 8.17
C ALA A 53 -1.27 5.51 8.71
N PRO A 54 -2.30 5.84 7.93
CA PRO A 54 -3.33 6.75 8.42
C PRO A 54 -4.16 6.09 9.51
N ASP A 55 -4.71 6.92 10.41
CA ASP A 55 -5.62 6.40 11.43
C ASP A 55 -6.77 5.65 10.77
N GLY A 56 -7.06 4.45 11.26
CA GLY A 56 -8.09 3.62 10.69
C GLY A 56 -7.55 2.50 9.81
N TYR A 57 -6.26 2.54 9.46
CA TYR A 57 -5.73 1.60 8.47
C TYR A 57 -5.69 0.19 9.08
N PRO A 58 -6.03 -0.85 8.32
CA PRO A 58 -6.03 -2.21 8.89
C PRO A 58 -4.61 -2.74 9.08
N CYS A 59 -4.38 -3.36 10.23
CA CYS A 59 -3.03 -3.82 10.52
C CYS A 59 -3.08 -5.12 11.31
N TYR A 60 -1.92 -5.76 11.40
CA TYR A 60 -1.70 -6.87 12.31
C TYR A 60 -0.73 -6.43 13.40
N ASN A 61 -1.07 -6.82 14.62
CA ASN A 61 -0.25 -6.60 15.82
C ASN A 61 0.35 -7.95 16.19
N LEU A 62 1.60 -8.18 15.78
CA LEU A 62 2.27 -9.45 16.04
C LEU A 62 3.31 -9.28 17.14
N THR A 63 3.51 -10.35 17.91
CA THR A 63 4.62 -10.40 18.86
C THR A 63 5.96 -10.55 18.13
N ALA A 64 7.03 -10.26 18.86
CA ALA A 64 8.37 -10.35 18.28
C ALA A 64 8.63 -11.74 17.72
N GLN A 65 8.25 -12.78 18.45
CA GLN A 65 8.48 -14.15 17.98
C GLN A 65 7.54 -14.53 16.83
N GLN A 66 6.32 -13.98 16.77
CA GLN A 66 5.49 -14.25 15.61
C GLN A 66 6.13 -13.72 14.33
N VAL A 67 6.71 -12.53 14.40
CA VAL A 67 7.38 -11.94 13.24
C VAL A 67 8.56 -12.81 12.80
N ARG A 68 9.39 -13.22 13.77
CA ARG A 68 10.59 -13.99 13.44
C ARG A 68 10.24 -15.30 12.75
N THR A 69 9.13 -15.91 13.13
CA THR A 69 8.74 -17.22 12.62
C THR A 69 7.63 -17.14 11.58
N LEU A 70 7.31 -15.94 11.10
CA LEU A 70 6.27 -15.77 10.10
C LEU A 70 6.81 -16.26 8.76
N THR A 71 6.09 -17.17 8.11
CA THR A 71 6.55 -17.69 6.83
C THR A 71 5.56 -17.33 5.73
N THR A 72 5.83 -17.86 4.53
CA THR A 72 4.87 -17.85 3.44
C THR A 72 3.72 -18.82 3.66
N TYR A 73 3.82 -19.69 4.66
CA TYR A 73 2.90 -20.75 5.04
C TYR A 73 1.87 -20.21 6.02
N PRO A 74 0.56 -20.49 5.84
CA PRO A 74 -0.43 -20.06 6.84
C PRO A 74 -0.39 -20.91 8.09
N ASN A 75 0.31 -20.45 9.13
CA ASN A 75 0.31 -21.15 10.41
C ASN A 75 0.28 -20.20 11.60
N THR A 76 0.44 -18.89 11.37
CA THR A 76 0.41 -17.89 12.42
C THR A 76 -1.03 -17.40 12.60
N SER A 77 -1.49 -17.32 13.85
CA SER A 77 -2.80 -16.78 14.17
C SER A 77 -2.59 -15.32 14.55
N CYS A 78 -3.00 -14.42 13.66
CA CYS A 78 -2.57 -13.02 13.68
C CYS A 78 -3.65 -12.10 14.23
N ALA A 79 -3.28 -11.30 15.23
CA ALA A 79 -4.18 -10.34 15.86
C ALA A 79 -4.44 -9.17 14.92
N VAL A 80 -5.70 -9.03 14.49
CA VAL A 80 -6.10 -7.90 13.66
C VAL A 80 -6.17 -6.63 14.51
N GLY A 81 -5.82 -5.51 13.91
CA GLY A 81 -6.02 -4.24 14.57
C GLY A 81 -6.33 -3.08 13.64
N VAL A 82 -6.36 -1.90 14.23
CA VAL A 82 -6.68 -0.66 13.52
C VAL A 82 -5.60 0.34 13.91
N CYS A 83 -4.98 0.98 12.93
CA CYS A 83 -3.92 1.93 13.27
C CYS A 83 -4.51 3.17 13.93
N MET A 84 -3.93 3.59 15.05
CA MET A 84 -4.33 4.83 15.72
C MET A 84 -3.07 5.50 16.23
N LYS A 85 -2.70 6.63 15.63
CA LYS A 85 -1.49 7.35 16.06
C LYS A 85 -0.28 6.44 15.97
N GLY A 86 -0.25 5.62 14.92
CA GLY A 86 0.88 4.73 14.68
C GLY A 86 0.96 3.50 15.55
N THR A 87 -0.05 3.24 16.39
CA THR A 87 -0.15 2.02 17.18
C THR A 87 -1.22 1.13 16.57
N CYS A 88 -0.90 -0.15 16.36
CA CYS A 88 -1.87 -1.10 15.85
C CYS A 88 -2.77 -1.55 17.01
N VAL A 89 -3.94 -0.94 17.13
CA VAL A 89 -4.85 -1.21 18.24
C VAL A 89 -5.67 -2.46 17.94
N LYS A 90 -5.42 -3.54 18.70
CA LYS A 90 -6.14 -4.79 18.49
C LYS A 90 -7.65 -4.61 18.63
N ASN A 91 -8.40 -5.28 17.76
CA ASN A 91 -9.86 -5.23 17.90
C ASN A 91 -10.45 -6.55 18.38
N GLY A 92 -9.61 -7.56 18.62
CA GLY A 92 -10.09 -8.85 19.09
C GLY A 92 -10.24 -9.91 18.03
N THR A 93 -10.20 -9.55 16.75
CA THR A 93 -10.30 -10.53 15.69
C THR A 93 -8.94 -11.16 15.42
N MET A 94 -8.93 -12.47 15.26
CA MET A 94 -7.77 -13.26 14.85
C MET A 94 -7.98 -13.81 13.44
N GLU A 95 -6.93 -13.83 12.63
CA GLU A 95 -7.00 -14.54 11.35
C GLU A 95 -5.62 -15.05 10.99
N GLN A 96 -5.59 -16.06 10.12
CA GLN A 96 -4.33 -16.67 9.69
C GLN A 96 -3.67 -15.81 8.63
N CYS A 97 -2.50 -15.25 8.94
CA CYS A 97 -1.79 -14.37 8.02
C CYS A 97 -0.41 -14.94 7.69
N PHE A 98 0.15 -14.51 6.55
CA PHE A 98 1.39 -15.08 6.04
C PHE A 98 2.03 -14.11 5.05
N LYS A 99 3.32 -14.32 4.75
CA LYS A 99 3.99 -13.41 3.82
C LYS A 99 3.87 -13.91 2.39
N THR A 100 4.39 -13.11 1.46
CA THR A 100 4.35 -13.40 0.02
C THR A 100 5.73 -13.72 -0.53
N PRO B 14 -1.25 -9.96 -5.31
CA PRO B 14 -0.90 -8.55 -5.53
C PRO B 14 -0.65 -7.84 -4.21
N SER B 15 0.50 -8.14 -3.58
CA SER B 15 0.70 -7.90 -2.16
C SER B 15 1.04 -6.45 -1.82
N THR B 16 1.21 -5.55 -2.79
CA THR B 16 1.61 -4.19 -2.47
C THR B 16 0.47 -3.22 -2.73
N CYS B 17 0.16 -2.43 -1.70
CA CYS B 17 -1.02 -1.58 -1.67
C CYS B 17 -0.61 -0.20 -1.18
N CYS B 18 -1.38 0.80 -1.58
CA CYS B 18 -1.13 2.20 -1.24
C CYS B 18 -1.80 2.58 0.09
N LEU B 19 -1.14 3.47 0.85
CA LEU B 19 -1.71 3.97 2.10
C LEU B 19 -2.07 5.47 2.08
N LYS B 20 -1.61 6.22 1.10
CA LYS B 20 -1.84 7.66 0.99
C LYS B 20 -1.82 7.99 -0.50
N TYR B 21 -2.66 8.93 -0.92
CA TYR B 21 -2.69 9.40 -2.31
C TYR B 21 -1.82 10.64 -2.47
N TYR B 22 -1.12 10.71 -3.60
CA TYR B 22 -0.52 11.95 -4.08
C TYR B 22 -1.65 12.83 -4.63
N GLU B 23 -1.95 13.93 -3.93
CA GLU B 23 -3.20 14.65 -4.18
C GLU B 23 -3.11 15.66 -5.34
N LYS B 24 -1.96 15.87 -5.94
CA LYS B 24 -1.81 16.84 -7.01
C LYS B 24 -1.65 16.11 -8.35
N VAL B 25 -1.65 16.88 -9.43
CA VAL B 25 -1.56 16.33 -10.78
C VAL B 25 -0.10 16.04 -11.06
N LEU B 26 0.27 14.76 -11.15
CA LEU B 26 1.62 14.40 -11.59
C LEU B 26 1.87 14.93 -12.99
N PRO B 27 2.96 15.68 -13.21
CA PRO B 27 3.31 16.08 -14.58
C PRO B 27 3.43 14.87 -15.49
N ARG B 28 2.69 14.89 -16.60
CA ARG B 28 2.64 13.74 -17.50
C ARG B 28 4.02 13.40 -18.07
N ARG B 29 4.87 14.41 -18.30
CA ARG B 29 6.22 14.19 -18.82
C ARG B 29 6.99 13.20 -17.96
N LEU B 30 6.76 13.19 -16.64
CA LEU B 30 7.52 12.39 -15.70
C LEU B 30 7.08 10.94 -15.64
N VAL B 31 5.96 10.59 -16.26
CA VAL B 31 5.34 9.28 -16.06
C VAL B 31 5.78 8.31 -17.17
N VAL B 32 6.25 7.13 -16.76
CA VAL B 32 6.66 6.08 -17.69
C VAL B 32 5.54 5.10 -17.96
N GLY B 33 4.78 4.76 -16.93
CA GLY B 33 3.68 3.83 -17.08
C GLY B 33 2.91 3.74 -15.79
N TYR B 34 2.00 2.77 -15.73
CA TYR B 34 1.16 2.66 -14.55
C TYR B 34 0.87 1.20 -14.23
N ARG B 35 0.45 0.97 -12.97
CA ARG B 35 -0.03 -0.31 -12.49
C ARG B 35 -1.30 -0.08 -11.71
N LYS B 36 -2.15 -1.10 -11.63
CA LYS B 36 -3.36 -0.97 -10.81
C LYS B 36 -3.21 -1.72 -9.50
N ALA B 37 -3.70 -1.08 -8.45
CA ALA B 37 -3.65 -1.66 -7.10
C ALA B 37 -5.02 -1.42 -6.47
N LEU B 38 -6.07 -1.91 -7.14
CA LEU B 38 -7.43 -1.63 -6.72
C LEU B 38 -7.92 -2.59 -5.65
N ASN B 39 -7.33 -3.76 -5.52
CA ASN B 39 -7.83 -4.75 -4.57
C ASN B 39 -7.14 -4.57 -3.22
N CYS B 40 -7.31 -3.36 -2.67
CA CYS B 40 -6.58 -2.89 -1.50
C CYS B 40 -7.53 -2.09 -0.62
N HIS B 41 -7.12 -1.86 0.64
CA HIS B 41 -7.91 -1.02 1.52
C HIS B 41 -8.11 0.37 0.92
N LEU B 42 -7.05 0.93 0.32
CA LEU B 42 -7.12 2.20 -0.39
C LEU B 42 -6.84 1.93 -1.86
N PRO B 43 -7.88 1.71 -2.67
CA PRO B 43 -7.65 1.40 -4.08
C PRO B 43 -6.91 2.55 -4.76
N ALA B 44 -5.95 2.21 -5.60
CA ALA B 44 -5.10 3.23 -6.19
C ALA B 44 -4.67 2.84 -7.59
N ILE B 45 -4.35 3.86 -8.37
CA ILE B 45 -3.55 3.74 -9.58
C ILE B 45 -2.14 4.17 -9.22
N ILE B 46 -1.18 3.32 -9.52
CA ILE B 46 0.22 3.60 -9.23
C ILE B 46 0.91 4.03 -10.52
N PHE B 47 1.39 5.27 -10.56
CA PHE B 47 2.22 5.72 -11.68
C PHE B 47 3.69 5.53 -11.33
N VAL B 48 4.48 5.12 -12.31
CA VAL B 48 5.92 4.95 -12.12
C VAL B 48 6.62 6.02 -12.93
N THR B 49 7.52 6.77 -12.30
CA THR B 49 8.13 7.93 -12.93
C THR B 49 9.45 7.52 -13.58
N LYS B 50 10.06 8.46 -14.30
CA LYS B 50 11.35 8.21 -14.92
C LYS B 50 12.45 8.00 -13.89
N ARG B 51 12.28 8.53 -12.68
CA ARG B 51 13.22 8.24 -11.62
C ARG B 51 12.87 6.96 -10.88
N ASN B 52 11.98 6.16 -11.45
CA ASN B 52 11.56 4.89 -10.89
C ASN B 52 10.94 5.04 -9.50
N ARG B 53 10.22 6.14 -9.28
CA ARG B 53 9.42 6.30 -8.08
C ARG B 53 8.00 5.81 -8.37
N GLU B 54 7.39 5.18 -7.38
CA GLU B 54 6.02 4.69 -7.48
C GLU B 54 5.11 5.67 -6.74
N VAL B 55 4.14 6.24 -7.45
CA VAL B 55 3.27 7.28 -6.88
C VAL B 55 1.83 6.77 -6.86
N CYS B 56 1.26 6.64 -5.66
CA CYS B 56 -0.13 6.26 -5.49
C CYS B 56 -1.08 7.41 -5.82
N THR B 57 -2.15 7.12 -6.57
CA THR B 57 -3.11 8.16 -6.94
C THR B 57 -4.54 7.64 -6.81
N ASN B 58 -5.47 8.58 -6.75
CA ASN B 58 -6.88 8.24 -6.59
C ASN B 58 -7.53 7.86 -7.92
N PRO B 59 -8.05 6.64 -8.07
CA PRO B 59 -8.66 6.25 -9.36
C PRO B 59 -9.85 7.11 -9.75
N ASN B 60 -10.35 7.91 -8.82
CA ASN B 60 -11.50 8.76 -9.07
C ASN B 60 -11.12 10.12 -9.65
N ASP B 61 -9.85 10.54 -9.55
CA ASP B 61 -9.45 11.82 -10.12
C ASP B 61 -9.55 11.79 -11.63
N ASP B 62 -10.00 12.90 -12.20
CA ASP B 62 -10.21 12.94 -13.64
C ASP B 62 -8.88 12.81 -14.40
N TRP B 63 -7.81 13.43 -13.88
CA TRP B 63 -6.51 13.35 -14.56
C TRP B 63 -5.96 11.94 -14.52
N VAL B 64 -6.22 11.21 -13.43
CA VAL B 64 -5.76 9.82 -13.35
C VAL B 64 -6.45 8.98 -14.42
N GLN B 65 -7.76 9.13 -14.57
CA GLN B 65 -8.44 8.34 -15.60
C GLN B 65 -8.01 8.77 -16.99
N GLU B 66 -7.71 10.05 -17.18
CA GLU B 66 -7.22 10.54 -18.47
C GLU B 66 -5.89 9.90 -18.84
N TYR B 67 -4.96 9.85 -17.88
CA TYR B 67 -3.66 9.25 -18.15
C TYR B 67 -3.79 7.78 -18.52
N ILE B 68 -4.60 7.01 -17.77
CA ILE B 68 -4.56 5.58 -17.99
C ILE B 68 -5.28 5.20 -19.26
N LYS B 69 -6.14 6.08 -19.80
CA LYS B 69 -6.81 5.80 -21.06
C LYS B 69 -5.95 6.20 -22.26
N ASP B 70 -4.87 6.96 -22.03
CA ASP B 70 -3.91 7.34 -23.05
C ASP B 70 -3.21 6.10 -23.62
N PRO B 71 -3.40 5.80 -24.91
CA PRO B 71 -2.74 4.61 -25.48
C PRO B 71 -1.23 4.67 -25.45
N ASN B 72 -0.64 5.87 -25.40
CA ASN B 72 0.82 6.01 -25.32
C ASN B 72 1.37 5.71 -23.93
N LEU B 73 0.53 5.58 -22.90
CA LEU B 73 1.01 5.37 -21.54
C LEU B 73 0.80 3.91 -21.16
N PRO B 74 1.85 3.12 -21.01
CA PRO B 74 1.69 1.67 -20.92
C PRO B 74 1.37 1.18 -19.52
N LEU B 75 0.67 0.07 -19.49
CA LEU B 75 0.50 -0.68 -18.26
C LEU B 75 1.80 -1.45 -17.99
N LEU B 76 2.34 -1.29 -16.79
CA LEU B 76 3.58 -1.94 -16.42
C LEU B 76 3.29 -3.24 -15.70
N PRO B 77 3.81 -4.38 -16.16
CA PRO B 77 3.78 -5.58 -15.33
C PRO B 77 4.58 -5.34 -14.06
N THR B 78 4.19 -6.00 -12.98
CA THR B 78 4.90 -5.87 -11.72
C THR B 78 6.26 -6.59 -11.78
N ARG B 79 7.31 -5.89 -11.35
#